data_3FWB
#
_entry.id   3FWB
#
_cell.length_a   53.535
_cell.length_b   60.062
_cell.length_c   77.300
_cell.angle_alpha   90.000
_cell.angle_beta   108.670
_cell.angle_gamma   90.000
#
_symmetry.space_group_name_H-M   'P 1 21 1'
#
loop_
_entity.id
_entity.type
_entity.pdbx_description
1 polymer 'Cell division control protein 31'
2 polymer 'Nuclear mRNA export protein SAC3'
3 polymer 'Protein SUS1'
4 water water
#
loop_
_entity_poly.entity_id
_entity_poly.type
_entity_poly.pdbx_seq_one_letter_code
_entity_poly.pdbx_strand_id
1 'polypeptide(L)'
;MSKNRSSLQSGPLNSELLEEQKQEIYEAFSLFDMNNDGFLDYHELKVAMKALGFELPKREILDLIDEYDSEGRHLMKYDD
FYIVMGEKILKRDPLDEIKRAFQLFDDDHTGKISIKNLRRVAKELGETLTDEELRAMIEEFDLDGDGEINENEFIAICTD
S
;
A
2 'polypeptide(L)' GSEANYRKDFIDTMTRELYDAFLHERLYLIYMDSRAELKRNSTLKKKFFEKWQAS B
3 'polypeptide(L)'
;MTMDTAQLKSQIQQYLVESGNYELISNELKARLLQEGWVDKVKDLTKSEMNINESTNFTQILSTVEPKALEMVSDSTRET
VLKQIREFLEEIVDTQ
;
C
#
# COMPACT_ATOMS: atom_id res chain seq x y z
N GLN A 9 -17.54 -12.91 16.54
CA GLN A 9 -18.24 -12.84 17.86
C GLN A 9 -18.22 -11.40 18.41
N SER A 10 -19.28 -10.64 18.12
CA SER A 10 -19.34 -9.21 18.44
C SER A 10 -19.63 -8.96 19.92
N GLY A 11 -18.84 -8.07 20.52
CA GLY A 11 -18.97 -7.74 21.95
C GLY A 11 -17.70 -8.02 22.75
N PRO A 12 -17.33 -9.32 22.90
CA PRO A 12 -16.07 -9.70 23.58
C PRO A 12 -14.81 -9.14 22.96
N LEU A 13 -14.86 -8.79 21.67
CA LEU A 13 -13.70 -8.23 20.99
C LEU A 13 -13.60 -6.72 21.22
N ASN A 14 -14.71 -6.00 21.00
CA ASN A 14 -14.64 -4.53 21.06
C ASN A 14 -14.78 -3.96 22.48
N SER A 15 -14.73 -4.83 23.48
CA SER A 15 -14.52 -4.39 24.86
C SER A 15 -13.02 -4.39 25.16
N GLU A 16 -12.26 -5.24 24.48
CA GLU A 16 -10.80 -5.29 24.67
C GLU A 16 -9.97 -4.64 23.55
N LEU A 17 -10.61 -4.12 22.51
CA LEU A 17 -9.92 -3.29 21.52
C LEU A 17 -9.95 -1.87 22.04
N LEU A 18 -8.85 -1.14 21.86
CA LEU A 18 -8.83 0.29 22.14
C LEU A 18 -9.59 1.03 21.04
N GLU A 19 -10.13 2.19 21.36
CA GLU A 19 -10.81 2.99 20.34
C GLU A 19 -9.91 3.29 19.14
N GLU A 20 -8.62 3.53 19.39
CA GLU A 20 -7.67 3.84 18.32
C GLU A 20 -7.50 2.60 17.45
N GLN A 21 -7.61 1.41 18.03
CA GLN A 21 -7.49 0.18 17.27
C GLN A 21 -8.72 -0.08 16.40
N LYS A 22 -9.88 0.37 16.85
CA LYS A 22 -11.10 0.23 16.09
C LYS A 22 -11.12 1.18 14.88
N GLN A 23 -10.68 2.42 15.09
CA GLN A 23 -10.39 3.36 14.00
C GLN A 23 -9.42 2.79 12.96
N GLU A 24 -8.31 2.22 13.44
CA GLU A 24 -7.33 1.62 12.55
C GLU A 24 -7.99 0.59 11.62
N ILE A 25 -8.83 -0.28 12.18
CA ILE A 25 -9.50 -1.31 11.38
C ILE A 25 -10.42 -0.65 10.37
N TYR A 26 -11.29 0.24 10.85
CA TYR A 26 -12.22 0.95 9.97
C TYR A 26 -11.50 1.71 8.85
N GLU A 27 -10.45 2.46 9.20
CA GLU A 27 -9.74 3.27 8.20
C GLU A 27 -9.07 2.39 7.15
N ALA A 28 -8.56 1.21 7.56
CA ALA A 28 -7.84 0.31 6.62
C ALA A 28 -8.76 -0.33 5.60
N PHE A 29 -9.98 -0.66 6.03
CA PHE A 29 -11.04 -1.11 5.13
C PHE A 29 -11.51 0.01 4.17
N SER A 30 -11.91 1.17 4.71
CA SER A 30 -12.42 2.31 3.90
C SER A 30 -11.47 2.69 2.79
N LEU A 31 -10.17 2.60 3.06
CA LEU A 31 -9.16 3.07 2.11
C LEU A 31 -9.23 2.31 0.78
N PHE A 32 -9.58 1.03 0.85
CA PHE A 32 -9.60 0.14 -0.31
C PHE A 32 -11.00 -0.33 -0.70
N ASP A 33 -12.02 0.20 -0.02
CA ASP A 33 -13.40 0.01 -0.43
C ASP A 33 -13.70 1.09 -1.48
N MET A 34 -13.38 0.79 -2.73
CA MET A 34 -13.38 1.80 -3.78
C MET A 34 -14.84 2.14 -4.10
N ASN A 35 -15.63 1.10 -4.02
CA ASN A 35 -17.09 1.11 -4.13
C ASN A 35 -17.83 1.96 -3.08
N ASN A 36 -17.19 2.24 -1.97
CA ASN A 36 -17.86 2.58 -0.73
C ASN A 36 -19.12 1.77 -0.45
N ASP A 37 -19.02 0.44 -0.62
CA ASP A 37 -20.18 -0.46 -0.44
C ASP A 37 -20.07 -1.44 0.72
N GLY A 38 -19.02 -1.32 1.54
CA GLY A 38 -18.79 -2.21 2.67
C GLY A 38 -18.41 -3.64 2.31
N PHE A 39 -17.77 -3.81 1.16
CA PHE A 39 -17.28 -5.12 0.70
C PHE A 39 -15.92 -4.94 0.00
N LEU A 40 -15.08 -5.97 0.10
CA LEU A 40 -13.78 -5.97 -0.56
C LEU A 40 -13.57 -7.26 -1.33
N ASP A 41 -12.96 -7.18 -2.49
CA ASP A 41 -12.54 -8.38 -3.22
C ASP A 41 -11.15 -8.80 -2.76
N TYR A 42 -10.61 -9.83 -3.40
CA TYR A 42 -9.37 -10.46 -2.95
C TYR A 42 -8.19 -9.50 -2.81
N HIS A 43 -7.84 -8.81 -3.91
CA HIS A 43 -6.69 -7.91 -3.90
C HIS A 43 -6.91 -6.76 -2.92
N GLU A 44 -8.15 -6.26 -2.84
CA GLU A 44 -8.48 -5.23 -1.85
C GLU A 44 -8.29 -5.70 -0.40
N LEU A 45 -8.69 -6.93 -0.12
CA LEU A 45 -8.54 -7.50 1.21
C LEU A 45 -7.06 -7.67 1.55
N LYS A 46 -6.33 -8.35 0.67
CA LYS A 46 -4.89 -8.46 0.79
C LYS A 46 -4.24 -7.16 1.24
N VAL A 47 -4.55 -6.04 0.58
CA VAL A 47 -3.86 -4.78 0.88
C VAL A 47 -4.41 -4.14 2.16
N ALA A 48 -5.68 -4.38 2.44
CA ALA A 48 -6.30 -3.88 3.67
C ALA A 48 -5.64 -4.52 4.90
N MET A 49 -5.43 -5.83 4.86
CA MET A 49 -4.69 -6.55 5.88
C MET A 49 -3.24 -6.06 5.99
N LYS A 50 -2.61 -5.83 4.85
CA LYS A 50 -1.25 -5.30 4.80
C LYS A 50 -1.21 -3.91 5.43
N ALA A 51 -2.29 -3.15 5.28
CA ALA A 51 -2.41 -1.86 5.96
C ALA A 51 -2.40 -1.98 7.50
N LEU A 52 -2.77 -3.16 8.02
CA LEU A 52 -2.74 -3.47 9.44
C LEU A 52 -1.49 -4.27 9.85
N GLY A 53 -0.56 -4.46 8.93
CA GLY A 53 0.69 -5.19 9.19
C GLY A 53 0.57 -6.71 9.10
N PHE A 54 -0.46 -7.21 8.43
CA PHE A 54 -0.64 -8.66 8.27
C PHE A 54 -0.42 -9.11 6.82
N GLU A 55 0.53 -10.01 6.64
CA GLU A 55 0.83 -10.64 5.36
C GLU A 55 0.36 -12.09 5.43
N LEU A 56 -0.72 -12.40 4.73
CA LEU A 56 -1.17 -13.77 4.65
C LEU A 56 -0.88 -14.36 3.29
N PRO A 57 -0.65 -15.67 3.23
CA PRO A 57 -0.53 -16.36 1.95
C PRO A 57 -1.88 -16.45 1.23
N LYS A 58 -1.85 -16.71 -0.08
CA LYS A 58 -3.05 -16.77 -0.89
C LYS A 58 -4.07 -17.71 -0.27
N ARG A 59 -3.60 -18.90 0.10
CA ARG A 59 -4.45 -19.95 0.63
C ARG A 59 -5.29 -19.48 1.81
N GLU A 60 -4.68 -18.77 2.75
CA GLU A 60 -5.39 -18.30 3.95
C GLU A 60 -6.38 -17.19 3.63
N ILE A 61 -6.02 -16.33 2.70
CA ILE A 61 -6.92 -15.25 2.32
C ILE A 61 -8.16 -15.86 1.67
N LEU A 62 -7.95 -16.74 0.69
CA LEU A 62 -9.06 -17.41 0.01
C LEU A 62 -9.97 -18.14 0.98
N ASP A 63 -9.37 -18.91 1.88
CA ASP A 63 -10.14 -19.62 2.91
C ASP A 63 -10.89 -18.70 3.85
N LEU A 64 -10.37 -17.50 4.10
CA LEU A 64 -11.04 -16.52 4.96
C LEU A 64 -12.29 -15.99 4.27
N ILE A 65 -12.18 -15.72 2.97
CA ILE A 65 -13.32 -15.24 2.18
C ILE A 65 -14.37 -16.32 2.14
N ASP A 66 -13.95 -17.52 1.75
CA ASP A 66 -14.83 -18.69 1.70
C ASP A 66 -15.47 -18.98 3.03
N GLU A 67 -14.78 -18.74 4.14
CA GLU A 67 -15.41 -18.99 5.44
C GLU A 67 -16.57 -18.05 5.67
N TYR A 68 -16.36 -16.77 5.38
CA TYR A 68 -17.35 -15.75 5.75
C TYR A 68 -18.28 -15.34 4.61
N ASP A 69 -18.19 -16.03 3.47
CA ASP A 69 -18.93 -15.61 2.27
C ASP A 69 -20.41 -15.94 2.34
N SER A 70 -21.16 -15.14 3.12
CA SER A 70 -22.60 -15.36 3.33
C SER A 70 -23.44 -15.41 2.07
N GLU A 71 -22.91 -14.97 0.94
CA GLU A 71 -23.73 -14.71 -0.25
C GLU A 71 -23.16 -15.22 -1.57
N GLY A 72 -22.13 -16.05 -1.51
CA GLY A 72 -21.52 -16.62 -2.72
C GLY A 72 -20.89 -15.60 -3.64
N ARG A 73 -20.72 -14.38 -3.14
CA ARG A 73 -20.22 -13.27 -3.96
C ARG A 73 -18.70 -13.18 -4.04
N HIS A 74 -17.99 -14.02 -3.27
CA HIS A 74 -16.52 -14.01 -3.18
C HIS A 74 -15.94 -12.71 -2.64
N LEU A 75 -16.72 -11.97 -1.85
CA LEU A 75 -16.27 -10.72 -1.22
C LEU A 75 -16.21 -10.87 0.29
N MET A 76 -15.61 -9.88 0.98
CA MET A 76 -15.66 -9.84 2.44
C MET A 76 -16.31 -8.57 2.99
N LYS A 77 -17.33 -8.81 3.81
CA LYS A 77 -18.11 -7.79 4.49
C LYS A 77 -17.24 -7.05 5.52
N TYR A 78 -17.52 -5.77 5.74
CA TYR A 78 -16.80 -5.01 6.74
C TYR A 78 -16.87 -5.63 8.14
N ASP A 79 -18.06 -6.07 8.53
CA ASP A 79 -18.28 -6.68 9.85
C ASP A 79 -17.48 -7.96 10.09
N ASP A 80 -17.20 -8.73 9.04
CA ASP A 80 -16.40 -9.93 9.21
C ASP A 80 -14.92 -9.60 9.25
N PHE A 81 -14.48 -8.76 8.32
CA PHE A 81 -13.15 -8.16 8.39
C PHE A 81 -12.83 -7.60 9.77
N TYR A 82 -13.80 -6.91 10.39
CA TYR A 82 -13.62 -6.32 11.72
C TYR A 82 -13.31 -7.39 12.76
N ILE A 83 -14.08 -8.48 12.71
CA ILE A 83 -13.93 -9.59 13.66
C ILE A 83 -12.60 -10.32 13.49
N VAL A 84 -12.28 -10.70 12.25
CA VAL A 84 -11.03 -11.41 11.97
C VAL A 84 -9.81 -10.57 12.31
N MET A 85 -9.76 -9.33 11.82
CA MET A 85 -8.62 -8.45 12.10
C MET A 85 -8.53 -8.01 13.57
N GLY A 86 -9.67 -7.91 14.24
CA GLY A 86 -9.71 -7.57 15.66
C GLY A 86 -8.92 -8.57 16.48
N GLU A 87 -9.14 -9.85 16.20
CA GLU A 87 -8.46 -10.92 16.92
C GLU A 87 -6.95 -10.93 16.66
N LYS A 88 -6.55 -10.65 15.43
CA LYS A 88 -5.14 -10.64 15.04
C LYS A 88 -4.44 -9.45 15.67
N ILE A 89 -5.13 -8.30 15.72
CA ILE A 89 -4.59 -7.12 16.37
C ILE A 89 -4.30 -7.40 17.84
N LEU A 90 -5.24 -8.08 18.49
CA LEU A 90 -5.07 -8.43 19.90
C LEU A 90 -3.87 -9.34 20.13
N LYS A 91 -3.51 -10.13 19.13
CA LYS A 91 -2.39 -11.06 19.25
C LYS A 91 -1.06 -10.45 18.79
N ARG A 92 -1.04 -9.14 18.52
CA ARG A 92 0.21 -8.47 18.10
C ARG A 92 1.25 -8.53 19.21
N ASP A 93 2.51 -8.69 18.82
CA ASP A 93 3.61 -8.64 19.77
C ASP A 93 3.88 -7.17 20.06
N PRO A 94 3.62 -6.71 21.29
CA PRO A 94 3.73 -5.29 21.59
C PRO A 94 5.14 -4.77 21.40
N LEU A 95 6.11 -5.64 21.62
CA LEU A 95 7.50 -5.26 21.60
C LEU A 95 7.95 -5.11 20.16
N ASP A 96 7.46 -5.96 19.29
CA ASP A 96 7.76 -5.81 17.87
C ASP A 96 7.14 -4.52 17.29
N GLU A 97 5.98 -4.13 17.81
CA GLU A 97 5.33 -2.90 17.41
C GLU A 97 6.17 -1.69 17.81
N ILE A 98 6.58 -1.67 19.08
CA ILE A 98 7.38 -0.57 19.59
C ILE A 98 8.66 -0.40 18.78
N LYS A 99 9.30 -1.51 18.41
CA LYS A 99 10.55 -1.46 17.64
C LYS A 99 10.38 -0.93 16.21
N ARG A 100 9.30 -1.31 15.53
CA ARG A 100 9.02 -0.73 14.22
C ARG A 100 8.75 0.76 14.35
N ALA A 101 7.98 1.15 15.36
CA ALA A 101 7.66 2.56 15.59
C ALA A 101 8.95 3.34 15.79
N PHE A 102 9.92 2.72 16.46
CA PHE A 102 11.19 3.38 16.70
C PHE A 102 11.92 3.67 15.40
N GLN A 103 12.07 2.66 14.54
CA GLN A 103 12.74 2.89 13.24
C GLN A 103 12.04 4.03 12.48
N LEU A 104 10.72 4.15 12.63
CA LEU A 104 9.94 5.17 11.91
C LEU A 104 10.13 6.60 12.42
N PHE A 105 10.34 6.76 13.74
CA PHE A 105 10.70 8.05 14.32
C PHE A 105 12.10 8.43 13.87
N ASP A 106 13.02 7.47 13.96
CA ASP A 106 14.43 7.69 13.60
C ASP A 106 14.65 7.54 12.09
N ASP A 107 13.99 8.40 11.32
CA ASP A 107 13.97 8.26 9.87
C ASP A 107 15.25 8.69 9.14
N ASP A 108 16.23 9.23 9.89
CA ASP A 108 17.59 9.48 9.35
C ASP A 108 18.58 8.43 9.84
N HIS A 109 18.11 7.53 10.70
CA HIS A 109 18.79 6.29 11.04
C HIS A 109 20.08 6.48 11.81
N THR A 110 20.04 7.42 12.76
CA THR A 110 21.19 7.67 13.62
C THR A 110 21.18 6.72 14.81
N GLY A 111 20.08 6.00 15.01
CA GLY A 111 19.92 5.11 16.16
C GLY A 111 19.39 5.83 17.37
N LYS A 112 19.05 7.11 17.20
CA LYS A 112 18.45 7.89 18.26
C LYS A 112 17.36 8.81 17.67
N ILE A 113 16.29 8.98 18.43
CA ILE A 113 15.24 9.96 18.09
C ILE A 113 15.69 11.31 18.60
N SER A 114 15.98 12.24 17.70
CA SER A 114 16.37 13.60 18.07
C SER A 114 15.14 14.50 18.13
N ILE A 115 15.35 15.78 18.43
CA ILE A 115 14.29 16.76 18.37
C ILE A 115 13.85 17.00 16.92
N LYS A 116 14.81 16.95 16.01
CA LYS A 116 14.52 17.03 14.59
C LYS A 116 13.48 15.97 14.19
N ASN A 117 13.69 14.72 14.63
CA ASN A 117 12.81 13.60 14.24
C ASN A 117 11.43 13.76 14.83
N LEU A 118 11.41 14.02 16.13
CA LEU A 118 10.18 14.10 16.89
C LEU A 118 9.30 15.25 16.42
N ARG A 119 9.94 16.36 16.06
CA ARG A 119 9.24 17.54 15.53
C ARG A 119 8.68 17.24 14.15
N ARG A 120 9.40 16.41 13.39
CA ARG A 120 8.95 16.00 12.06
C ARG A 120 7.74 15.06 12.13
N VAL A 121 7.73 14.15 13.10
CA VAL A 121 6.59 13.26 13.30
C VAL A 121 5.36 14.05 13.77
N ALA A 122 5.58 14.99 14.69
CA ALA A 122 4.51 15.87 15.18
C ALA A 122 3.85 16.61 14.03
N LYS A 123 4.68 17.19 13.18
CA LYS A 123 4.20 17.95 12.03
C LYS A 123 3.46 17.02 11.06
N GLU A 124 3.92 15.77 10.93
CA GLU A 124 3.21 14.78 10.11
C GLU A 124 1.83 14.44 10.67
N LEU A 125 1.74 14.27 12.00
CA LEU A 125 0.46 13.92 12.63
C LEU A 125 -0.46 15.13 12.81
N GLY A 126 -0.05 16.29 12.33
CA GLY A 126 -0.82 17.54 12.52
C GLY A 126 -0.86 18.00 13.97
N GLU A 127 0.07 17.51 14.78
CA GLU A 127 0.14 17.86 16.19
C GLU A 127 0.81 19.21 16.36
N THR A 128 0.13 20.09 17.07
CA THR A 128 0.60 21.45 17.23
C THR A 128 1.24 21.59 18.61
N LEU A 129 2.57 21.59 18.66
CA LEU A 129 3.30 21.63 19.93
C LEU A 129 4.47 22.61 19.89
N THR A 130 4.63 23.34 21.00
CA THR A 130 5.79 24.21 21.24
C THR A 130 7.08 23.45 21.01
N ASP A 131 8.14 24.19 20.72
CA ASP A 131 9.46 23.60 20.69
C ASP A 131 9.82 23.17 22.09
N GLU A 132 9.57 24.04 23.06
CA GLU A 132 9.85 23.74 24.47
C GLU A 132 9.14 22.49 25.02
N GLU A 133 7.93 22.18 24.54
CA GLU A 133 7.25 20.98 25.03
C GLU A 133 7.63 19.70 24.29
N LEU A 134 8.20 19.85 23.09
CA LEU A 134 8.84 18.73 22.39
C LEU A 134 10.15 18.36 23.07
N ARG A 135 10.91 19.37 23.51
CA ARG A 135 12.11 19.15 24.34
C ARG A 135 11.78 18.41 25.62
N ALA A 136 10.65 18.78 26.24
CA ALA A 136 10.25 18.15 27.49
C ALA A 136 9.94 16.66 27.31
N MET A 137 9.44 16.25 26.14
CA MET A 137 9.18 14.82 25.89
C MET A 137 10.46 14.01 25.88
N ILE A 138 11.57 14.65 25.52
CA ILE A 138 12.87 14.01 25.47
C ILE A 138 13.52 14.17 26.84
N GLU A 139 13.68 15.41 27.26
CA GLU A 139 14.21 15.77 28.58
C GLU A 139 13.59 14.90 29.70
N GLU A 140 12.28 14.69 29.64
CA GLU A 140 11.59 13.95 30.68
C GLU A 140 11.90 12.44 30.65
N PHE A 141 12.42 11.91 29.55
CA PHE A 141 12.72 10.47 29.43
C PHE A 141 14.11 10.09 28.96
N ASP A 142 15.03 11.06 28.95
CA ASP A 142 16.40 10.83 28.50
C ASP A 142 17.25 10.26 29.63
N LEU A 143 17.38 8.94 29.66
CA LEU A 143 18.14 8.25 30.72
C LEU A 143 19.68 8.40 30.56
N ASP A 144 20.18 8.59 29.33
CA ASP A 144 21.61 8.86 29.07
C ASP A 144 22.09 10.22 29.58
N GLY A 145 21.23 11.23 29.49
CA GLY A 145 21.67 12.63 29.57
C GLY A 145 22.25 13.12 28.25
N ASP A 146 22.07 12.33 27.19
CA ASP A 146 22.71 12.61 25.89
C ASP A 146 21.86 13.52 24.99
N GLY A 147 20.68 13.90 25.47
CA GLY A 147 19.81 14.86 24.77
C GLY A 147 18.89 14.24 23.74
N GLU A 148 18.99 12.93 23.58
CA GLU A 148 18.21 12.18 22.59
C GLU A 148 17.75 10.86 23.21
N ILE A 149 16.91 10.13 22.45
CA ILE A 149 16.26 8.92 22.95
C ILE A 149 16.57 7.71 22.06
N ASN A 150 17.31 6.76 22.62
CA ASN A 150 17.70 5.55 21.91
C ASN A 150 16.63 4.48 22.08
N GLU A 151 16.84 3.33 21.45
CA GLU A 151 15.81 2.31 21.36
C GLU A 151 15.32 1.88 22.73
N ASN A 152 16.25 1.70 23.66
CA ASN A 152 15.94 1.26 25.03
C ASN A 152 15.16 2.30 25.82
N GLU A 153 15.63 3.54 25.74
CA GLU A 153 14.98 4.66 26.41
C GLU A 153 13.54 4.72 25.89
N PHE A 154 13.36 4.49 24.58
CA PHE A 154 12.06 4.53 23.90
C PHE A 154 11.22 3.30 24.25
N ILE A 155 11.84 2.13 24.30
CA ILE A 155 11.10 0.95 24.70
C ILE A 155 10.62 1.11 26.13
N ALA A 156 11.42 1.80 26.95
CA ALA A 156 11.08 2.03 28.35
C ALA A 156 9.85 2.94 28.47
N ILE A 157 9.79 3.97 27.63
CA ILE A 157 8.61 4.85 27.57
C ILE A 157 7.36 4.04 27.25
N CYS A 158 7.43 3.28 26.17
CA CYS A 158 6.27 2.57 25.61
C CYS A 158 5.84 1.35 26.38
N THR A 159 6.74 0.83 27.21
CA THR A 159 6.51 -0.38 28.00
C THR A 159 5.82 -0.06 29.33
N ASP A 160 5.95 1.18 29.77
CA ASP A 160 5.35 1.62 31.02
C ASP A 160 3.82 1.46 30.98
N SER A 161 3.23 1.75 29.81
CA SER A 161 1.80 1.52 29.57
C SER A 161 0.91 2.34 30.52
N SER B 2 -1.31 -1.91 -48.84
CA SER B 2 -2.52 -1.08 -48.55
C SER B 2 -3.47 -1.83 -47.63
N GLU B 3 -3.84 -3.03 -48.06
CA GLU B 3 -4.50 -3.99 -47.19
C GLU B 3 -3.53 -4.37 -46.05
N ALA B 4 -2.25 -4.50 -46.40
CA ALA B 4 -1.20 -4.74 -45.40
C ALA B 4 -0.91 -3.48 -44.58
N ASN B 5 -1.04 -2.29 -45.17
CA ASN B 5 -0.89 -1.05 -44.38
C ASN B 5 -1.97 -0.93 -43.31
N TYR B 6 -3.21 -1.23 -43.68
CA TYR B 6 -4.33 -1.16 -42.72
C TYR B 6 -4.15 -2.14 -41.56
N ARG B 7 -3.53 -3.28 -41.84
CA ARG B 7 -3.33 -4.32 -40.86
C ARG B 7 -2.29 -3.88 -39.83
N LYS B 8 -1.17 -3.36 -40.34
CA LYS B 8 -0.11 -2.77 -39.54
C LYS B 8 -0.62 -1.67 -38.60
N ASP B 9 -1.33 -0.69 -39.14
CA ASP B 9 -1.77 0.46 -38.35
C ASP B 9 -2.68 0.03 -37.21
N PHE B 10 -3.48 -1.01 -37.46
CA PHE B 10 -4.37 -1.54 -36.45
C PHE B 10 -3.56 -2.25 -35.35
N ILE B 11 -2.58 -3.04 -35.77
CA ILE B 11 -1.69 -3.71 -34.85
C ILE B 11 -0.87 -2.70 -34.01
N ASP B 12 -0.36 -1.65 -34.66
CA ASP B 12 0.41 -0.63 -33.95
C ASP B 12 -0.42 0.10 -32.94
N THR B 13 -1.66 0.42 -33.33
CA THR B 13 -2.58 1.12 -32.44
C THR B 13 -2.95 0.25 -31.25
N MET B 14 -3.18 -1.03 -31.50
CA MET B 14 -3.60 -1.92 -30.44
C MET B 14 -2.45 -2.37 -29.53
N THR B 15 -1.26 -2.49 -30.09
CA THR B 15 -0.08 -2.75 -29.27
C THR B 15 0.08 -1.65 -28.23
N ARG B 16 0.02 -0.40 -28.67
CA ARG B 16 0.15 0.74 -27.78
C ARG B 16 -0.96 0.72 -26.71
N GLU B 17 -2.19 0.44 -27.12
CA GLU B 17 -3.31 0.37 -26.16
C GLU B 17 -3.14 -0.73 -25.13
N LEU B 18 -2.71 -1.91 -25.56
CA LEU B 18 -2.58 -3.02 -24.63
C LEU B 18 -1.47 -2.71 -23.63
N TYR B 19 -0.38 -2.14 -24.13
CA TYR B 19 0.75 -1.76 -23.29
C TYR B 19 0.32 -0.74 -22.23
N ASP B 20 -0.39 0.31 -22.63
CA ASP B 20 -0.83 1.33 -21.67
C ASP B 20 -1.73 0.75 -20.57
N ALA B 21 -2.51 -0.28 -20.91
CA ALA B 21 -3.38 -0.94 -19.92
C ALA B 21 -2.58 -1.81 -18.95
N PHE B 22 -1.71 -2.67 -19.49
CA PHE B 22 -0.84 -3.51 -18.66
C PHE B 22 -0.07 -2.67 -17.65
N LEU B 23 0.56 -1.62 -18.16
CA LEU B 23 1.37 -0.73 -17.35
C LEU B 23 0.51 -0.05 -16.28
N HIS B 24 -0.66 0.43 -16.66
CA HIS B 24 -1.57 1.07 -15.72
C HIS B 24 -2.02 0.11 -14.63
N GLU B 25 -2.35 -1.13 -15.00
CA GLU B 25 -2.73 -2.13 -14.02
C GLU B 25 -1.58 -2.35 -13.01
N ARG B 26 -0.34 -2.42 -13.51
CA ARG B 26 0.82 -2.68 -12.65
C ARG B 26 1.11 -1.52 -11.67
N LEU B 27 1.04 -0.29 -12.18
CA LEU B 27 1.11 0.90 -11.35
C LEU B 27 0.01 0.88 -10.26
N TYR B 28 -1.22 0.59 -10.67
CA TYR B 28 -2.35 0.53 -9.73
C TYR B 28 -2.04 -0.41 -8.54
N LEU B 29 -1.51 -1.60 -8.85
CA LEU B 29 -1.22 -2.63 -7.83
C LEU B 29 -0.12 -2.20 -6.86
N ILE B 30 0.98 -1.69 -7.43
CA ILE B 30 2.10 -1.19 -6.63
C ILE B 30 1.67 -0.02 -5.74
N TYR B 31 0.85 0.86 -6.29
CA TYR B 31 0.28 1.99 -5.57
C TYR B 31 -0.56 1.54 -4.38
N MET B 32 -1.46 0.59 -4.62
CA MET B 32 -2.25 0.02 -3.52
C MET B 32 -1.33 -0.43 -2.39
N ASP B 33 -0.32 -1.22 -2.73
CA ASP B 33 0.64 -1.71 -1.73
C ASP B 33 1.29 -0.55 -1.01
N SER B 34 1.65 0.47 -1.76
CA SER B 34 2.38 1.60 -1.20
C SER B 34 1.53 2.32 -0.16
N ARG B 35 0.26 2.53 -0.50
CA ARG B 35 -0.70 3.11 0.44
C ARG B 35 -0.88 2.25 1.67
N ALA B 36 -0.95 0.93 1.48
CA ALA B 36 -1.08 0.02 2.61
C ALA B 36 0.11 0.19 3.57
N GLU B 37 1.31 0.29 3.03
CA GLU B 37 2.51 0.45 3.86
C GLU B 37 2.52 1.77 4.61
N LEU B 38 2.18 2.85 3.91
CA LEU B 38 2.21 4.17 4.53
C LEU B 38 1.13 4.23 5.61
N LYS B 39 -0.03 3.66 5.34
CA LYS B 39 -1.10 3.65 6.34
C LYS B 39 -0.59 3.03 7.64
N ARG B 40 0.02 1.86 7.52
CA ARG B 40 0.55 1.16 8.67
C ARG B 40 1.56 2.00 9.44
N ASN B 41 2.47 2.62 8.71
CA ASN B 41 3.48 3.47 9.32
C ASN B 41 2.88 4.64 10.05
N SER B 42 1.95 5.32 9.40
CA SER B 42 1.26 6.43 10.05
C SER B 42 0.57 6.01 11.35
N THR B 43 -0.10 4.85 11.33
CA THR B 43 -0.80 4.33 12.51
C THR B 43 0.15 4.12 13.69
N LEU B 44 1.35 3.62 13.41
CA LEU B 44 2.33 3.33 14.45
C LEU B 44 2.86 4.62 15.04
N LYS B 45 3.20 5.55 14.17
CA LYS B 45 3.73 6.83 14.64
C LYS B 45 2.69 7.47 15.53
N LYS B 46 1.46 7.47 15.07
CA LYS B 46 0.39 8.11 15.81
C LYS B 46 0.23 7.47 17.18
N LYS B 47 0.19 6.15 17.23
CA LYS B 47 -0.07 5.45 18.50
C LYS B 47 1.01 5.77 19.52
N PHE B 48 2.26 5.60 19.13
CA PHE B 48 3.36 5.77 20.08
C PHE B 48 3.74 7.24 20.32
N PHE B 49 3.47 8.12 19.37
CA PHE B 49 3.65 9.54 19.64
C PHE B 49 2.67 9.98 20.73
N GLU B 50 1.41 9.55 20.61
CA GLU B 50 0.40 9.95 21.59
C GLU B 50 0.67 9.31 22.95
N LYS B 51 1.12 8.06 22.95
CA LYS B 51 1.49 7.38 24.18
C LYS B 51 2.61 8.14 24.88
N TRP B 52 3.61 8.56 24.11
CA TRP B 52 4.73 9.32 24.63
C TRP B 52 4.25 10.64 25.23
N GLN B 53 3.53 11.40 24.42
CA GLN B 53 3.11 12.74 24.84
C GLN B 53 2.26 12.73 26.13
N ALA B 54 1.52 11.65 26.34
CA ALA B 54 0.68 11.48 27.52
C ALA B 54 1.42 10.81 28.70
N SER B 55 2.70 10.51 28.52
CA SER B 55 3.51 9.79 29.52
C SER B 55 4.05 10.72 30.60
N ALA C 6 -13.28 -2.34 -33.27
CA ALA C 6 -14.35 -2.00 -32.28
C ALA C 6 -14.65 -3.24 -31.42
N GLN C 7 -15.21 -4.25 -32.05
CA GLN C 7 -15.65 -5.45 -31.35
C GLN C 7 -14.73 -6.65 -31.62
N LEU C 8 -13.86 -6.53 -32.62
CA LEU C 8 -12.78 -7.50 -32.83
C LEU C 8 -11.77 -7.39 -31.67
N LYS C 9 -11.62 -6.17 -31.14
CA LYS C 9 -10.79 -5.90 -29.97
C LYS C 9 -11.26 -6.71 -28.76
N SER C 10 -12.57 -6.74 -28.51
CA SER C 10 -13.13 -7.56 -27.45
C SER C 10 -12.77 -9.03 -27.67
N GLN C 11 -12.89 -9.50 -28.91
CA GLN C 11 -12.51 -10.88 -29.26
C GLN C 11 -11.02 -11.15 -29.03
N ILE C 12 -10.16 -10.18 -29.38
CA ILE C 12 -8.72 -10.33 -29.18
C ILE C 12 -8.37 -10.29 -27.69
N GLN C 13 -8.91 -9.29 -26.97
CA GLN C 13 -8.72 -9.16 -25.53
C GLN C 13 -9.29 -10.33 -24.73
N GLN C 14 -10.34 -10.98 -25.24
CA GLN C 14 -10.89 -12.18 -24.60
C GLN C 14 -10.03 -13.40 -24.91
N TYR C 15 -9.45 -13.45 -26.11
CA TYR C 15 -8.50 -14.53 -26.44
C TYR C 15 -7.20 -14.33 -25.66
N LEU C 16 -6.76 -13.08 -25.51
CA LEU C 16 -5.57 -12.72 -24.72
C LEU C 16 -5.55 -13.44 -23.35
N VAL C 17 -6.62 -13.29 -22.58
CA VAL C 17 -6.72 -13.91 -21.25
C VAL C 17 -6.76 -15.44 -21.30
N GLU C 18 -7.61 -16.02 -22.14
CA GLU C 18 -7.80 -17.50 -22.18
C GLU C 18 -6.55 -18.26 -22.66
N SER C 19 -5.75 -17.63 -23.51
CA SER C 19 -4.50 -18.24 -23.99
C SER C 19 -3.45 -18.29 -22.88
N GLY C 20 -3.65 -17.50 -21.83
CA GLY C 20 -2.64 -17.31 -20.79
C GLY C 20 -1.58 -16.29 -21.17
N ASN C 21 -1.72 -15.71 -22.37
CA ASN C 21 -0.74 -14.74 -22.86
C ASN C 21 -0.84 -13.41 -22.13
N TYR C 22 -2.03 -13.08 -21.60
CA TYR C 22 -2.18 -11.92 -20.73
C TYR C 22 -1.19 -12.03 -19.54
N GLU C 23 -1.21 -13.18 -18.88
CA GLU C 23 -0.40 -13.39 -17.69
C GLU C 23 1.10 -13.44 -18.00
N LEU C 24 1.46 -14.02 -19.15
CA LEU C 24 2.87 -14.05 -19.58
C LEU C 24 3.43 -12.65 -19.75
N ILE C 25 2.71 -11.84 -20.50
CA ILE C 25 3.12 -10.45 -20.76
C ILE C 25 3.13 -9.65 -19.46
N SER C 26 2.08 -9.78 -18.68
CA SER C 26 1.98 -9.09 -17.39
C SER C 26 3.15 -9.43 -16.48
N ASN C 27 3.47 -10.72 -16.37
CA ASN C 27 4.58 -11.20 -15.56
C ASN C 27 5.93 -10.70 -16.09
N GLU C 28 6.07 -10.63 -17.41
CA GLU C 28 7.32 -10.10 -17.97
C GLU C 28 7.44 -8.63 -17.64
N LEU C 29 6.34 -7.89 -17.78
CA LEU C 29 6.34 -6.47 -17.44
C LEU C 29 6.75 -6.25 -15.97
N LYS C 30 6.28 -7.11 -15.07
CA LYS C 30 6.48 -6.87 -13.64
C LYS C 30 7.93 -7.23 -13.23
N ALA C 31 8.42 -8.35 -13.74
CA ALA C 31 9.80 -8.79 -13.57
C ALA C 31 10.76 -7.67 -13.97
N ARG C 32 10.52 -7.10 -15.14
CA ARG C 32 11.38 -6.03 -15.65
C ARG C 32 11.22 -4.73 -14.90
N LEU C 33 10.03 -4.47 -14.38
CA LEU C 33 9.83 -3.24 -13.63
C LEU C 33 10.52 -3.34 -12.28
N LEU C 34 10.40 -4.51 -11.65
CA LEU C 34 11.12 -4.79 -10.42
C LEU C 34 12.63 -4.70 -10.63
N GLN C 35 13.12 -5.31 -11.69
CA GLN C 35 14.55 -5.36 -11.97
C GLN C 35 15.21 -4.00 -12.11
N GLU C 36 14.50 -3.03 -12.66
CA GLU C 36 15.06 -1.70 -12.93
C GLU C 36 14.81 -0.68 -11.83
N GLY C 37 14.15 -1.10 -10.75
CA GLY C 37 13.96 -0.27 -9.55
C GLY C 37 12.63 0.46 -9.48
N TRP C 38 11.79 0.27 -10.47
CA TRP C 38 10.60 1.09 -10.63
C TRP C 38 9.60 0.96 -9.47
N VAL C 39 9.57 -0.19 -8.81
CA VAL C 39 8.67 -0.39 -7.67
C VAL C 39 9.04 0.56 -6.52
N ASP C 40 10.33 0.69 -6.24
CA ASP C 40 10.79 1.64 -5.22
C ASP C 40 10.54 3.08 -5.62
N LYS C 41 10.57 3.37 -6.92
CA LYS C 41 10.32 4.72 -7.41
C LYS C 41 8.88 5.12 -7.29
N VAL C 42 7.98 4.20 -7.62
CA VAL C 42 6.56 4.46 -7.42
C VAL C 42 6.30 4.68 -5.92
N LYS C 43 6.96 3.91 -5.06
CA LYS C 43 6.74 4.03 -3.62
C LYS C 43 7.21 5.39 -3.09
N ASP C 44 8.35 5.86 -3.59
CA ASP C 44 8.90 7.15 -3.21
C ASP C 44 7.99 8.27 -3.69
N LEU C 45 7.53 8.12 -4.92
CA LEU C 45 6.63 9.09 -5.52
C LEU C 45 5.34 9.20 -4.70
N THR C 46 4.78 8.06 -4.27
CA THR C 46 3.55 8.04 -3.47
C THR C 46 3.78 8.68 -2.09
N LYS C 47 4.86 8.27 -1.42
CA LYS C 47 5.22 8.79 -0.10
C LYS C 47 5.45 10.30 -0.14
N SER C 48 6.23 10.73 -1.14
CA SER C 48 6.60 12.12 -1.30
C SER C 48 5.37 12.99 -1.60
N GLU C 49 4.46 12.44 -2.40
CA GLU C 49 3.27 13.16 -2.81
C GLU C 49 2.26 13.29 -1.67
N MET C 50 2.39 12.45 -0.63
CA MET C 50 1.46 12.50 0.50
C MET C 50 1.82 13.60 1.51
N ASN C 51 3.10 13.89 1.66
CA ASN C 51 3.55 15.02 2.49
C ASN C 51 3.26 16.38 1.84
N ILE C 52 3.39 16.44 0.52
CA ILE C 52 3.15 17.67 -0.24
C ILE C 52 1.65 17.99 -0.36
N ASN C 53 0.78 17.11 0.16
CA ASN C 53 -0.66 17.20 -0.10
C ASN C 53 -1.53 17.17 1.17
N GLU C 54 -2.64 17.90 1.10
CA GLU C 54 -3.67 17.87 2.15
C GLU C 54 -4.37 16.52 2.13
N SER C 55 -4.61 16.01 0.92
CA SER C 55 -5.53 14.88 0.69
C SER C 55 -4.96 13.48 0.99
N THR C 56 -5.84 12.61 1.48
CA THR C 56 -5.60 11.19 1.67
C THR C 56 -6.24 10.41 0.54
N ASN C 57 -6.93 11.12 -0.36
CA ASN C 57 -7.82 10.48 -1.32
C ASN C 57 -7.09 9.51 -2.22
N PHE C 58 -7.55 8.27 -2.22
CA PHE C 58 -6.93 7.21 -2.99
C PHE C 58 -6.75 7.62 -4.45
N THR C 59 -7.84 8.00 -5.09
CA THR C 59 -7.85 8.32 -6.51
C THR C 59 -7.11 9.62 -6.84
N GLN C 60 -7.27 10.62 -6.00
CA GLN C 60 -6.60 11.90 -6.22
C GLN C 60 -5.07 11.76 -6.23
N ILE C 61 -4.51 11.10 -5.22
CA ILE C 61 -3.05 10.96 -5.15
C ILE C 61 -2.51 10.11 -6.31
N LEU C 62 -3.29 9.11 -6.72
CA LEU C 62 -2.90 8.28 -7.86
C LEU C 62 -2.75 9.14 -9.10
N SER C 63 -3.67 10.08 -9.32
CA SER C 63 -3.65 10.87 -10.55
C SER C 63 -2.47 11.85 -10.61
N THR C 64 -1.86 12.18 -9.47
CA THR C 64 -0.65 12.99 -9.46
C THR C 64 0.61 12.14 -9.63
N VAL C 65 0.60 10.95 -9.03
CA VAL C 65 1.70 10.00 -9.12
C VAL C 65 1.82 9.39 -10.54
N GLU C 66 0.69 9.12 -11.20
CA GLU C 66 0.68 8.39 -12.47
C GLU C 66 1.53 9.05 -13.57
N PRO C 67 1.21 10.28 -13.97
CA PRO C 67 2.05 10.85 -15.03
C PRO C 67 3.55 10.71 -14.74
N LYS C 68 3.96 11.01 -13.50
CA LYS C 68 5.40 11.07 -13.17
C LYS C 68 6.02 9.68 -13.20
N ALA C 69 5.28 8.69 -12.71
CA ALA C 69 5.73 7.29 -12.66
C ALA C 69 5.98 6.71 -14.04
N LEU C 70 5.08 7.00 -14.98
CA LEU C 70 5.20 6.50 -16.35
C LEU C 70 6.47 6.99 -17.07
N GLU C 71 6.88 8.23 -16.79
CA GLU C 71 8.07 8.79 -17.46
C GLU C 71 9.34 8.10 -16.97
N MET C 72 9.29 7.51 -15.78
CA MET C 72 10.45 6.84 -15.22
C MET C 72 10.65 5.39 -15.73
N VAL C 73 9.76 4.90 -16.59
CA VAL C 73 9.94 3.56 -17.17
C VAL C 73 11.03 3.60 -18.25
N SER C 74 11.97 2.66 -18.19
CA SER C 74 13.12 2.68 -19.11
C SER C 74 12.67 2.36 -20.52
N ASP C 75 13.38 2.92 -21.50
CA ASP C 75 13.10 2.68 -22.92
C ASP C 75 13.22 1.17 -23.23
N SER C 76 14.15 0.52 -22.54
CA SER C 76 14.42 -0.90 -22.70
C SER C 76 13.23 -1.80 -22.31
N THR C 77 12.61 -1.52 -21.16
CA THR C 77 11.41 -2.24 -20.72
C THR C 77 10.22 -1.95 -21.65
N ARG C 78 10.06 -0.68 -22.02
CA ARG C 78 8.97 -0.28 -22.90
C ARG C 78 9.09 -1.02 -24.24
N GLU C 79 10.27 -0.96 -24.83
CA GLU C 79 10.48 -1.57 -26.14
C GLU C 79 10.35 -3.09 -26.13
N THR C 80 10.81 -3.74 -25.07
CA THR C 80 10.79 -5.19 -25.01
C THR C 80 9.38 -5.74 -24.79
N VAL C 81 8.58 -5.05 -23.97
CA VAL C 81 7.20 -5.46 -23.78
C VAL C 81 6.33 -5.09 -24.99
N LEU C 82 6.56 -3.91 -25.57
CA LEU C 82 5.85 -3.52 -26.79
C LEU C 82 6.07 -4.58 -27.85
N LYS C 83 7.34 -4.94 -28.06
CA LYS C 83 7.70 -5.96 -29.04
C LYS C 83 7.00 -7.28 -28.77
N GLN C 84 6.86 -7.64 -27.50
CA GLN C 84 6.25 -8.91 -27.13
C GLN C 84 4.75 -8.91 -27.43
N ILE C 85 4.09 -7.78 -27.19
CA ILE C 85 2.65 -7.66 -27.43
C ILE C 85 2.38 -7.67 -28.94
N ARG C 86 3.23 -6.96 -29.69
CA ARG C 86 3.13 -6.88 -31.15
C ARG C 86 3.22 -8.28 -31.78
N GLU C 87 4.24 -9.05 -31.38
CA GLU C 87 4.39 -10.42 -31.87
C GLU C 87 3.18 -11.31 -31.60
N PHE C 88 2.55 -11.14 -30.44
CA PHE C 88 1.31 -11.88 -30.14
C PHE C 88 0.13 -11.45 -31.01
N LEU C 89 0.06 -10.16 -31.34
CA LEU C 89 -1.04 -9.65 -32.12
C LEU C 89 -0.88 -10.17 -33.55
N GLU C 90 0.34 -10.03 -34.08
CA GLU C 90 0.72 -10.55 -35.39
C GLU C 90 0.25 -11.98 -35.65
N GLU C 91 0.42 -12.82 -34.63
CA GLU C 91 0.12 -14.24 -34.76
C GLU C 91 -1.38 -14.49 -34.73
N ILE C 92 -2.17 -13.49 -34.32
CA ILE C 92 -3.61 -13.68 -34.09
C ILE C 92 -4.52 -12.97 -35.08
N VAL C 93 -4.18 -11.75 -35.49
CA VAL C 93 -5.04 -10.96 -36.37
C VAL C 93 -4.98 -11.52 -37.80
N ASP C 94 -6.14 -11.95 -38.30
CA ASP C 94 -6.24 -12.76 -39.54
C ASP C 94 -5.33 -12.31 -40.69
N THR C 95 -4.60 -13.28 -41.28
CA THR C 95 -3.61 -13.07 -42.36
C THR C 95 -3.10 -11.64 -42.56
#